data_4NMP
#
_entry.id   4NMP
#
_cell.length_a   35.924
_cell.length_b   47.659
_cell.length_c   97.161
_cell.angle_alpha   90.00
_cell.angle_beta   90.00
_cell.angle_gamma   90.00
#
_symmetry.space_group_name_H-M   'P 21 21 21'
#
loop_
_entity.id
_entity.type
_entity.pdbx_description
1 polymer 'Golgi-associated PDZ and coiled-coil motif-containing protein'
2 polymer 'iCAL36(Ac-K-3) peptide'
3 non-polymer GLYCEROL
4 water water
#
loop_
_entity_poly.entity_id
_entity_poly.type
_entity_poly.pdbx_seq_one_letter_code
_entity_poly.pdbx_strand_id
1 'polypeptide(L)'
;GPIRKVLLLKEDHEGLGISITGGKEHGVPILISEIHPGQPADRCGGLHVGDAILAVNGVNLRDTKHKEAVTILSQQRGEI
EFEVVYV
;
A,B
2 'polypeptide(L)' ANSRWP(ALY)SII C,D
#
# COMPACT_ATOMS: atom_id res chain seq x y z
N GLY A 1 -10.75 20.95 15.70
CA GLY A 1 -11.12 20.34 16.96
C GLY A 1 -9.91 20.11 17.83
N PRO A 2 -10.08 19.39 18.93
CA PRO A 2 -8.96 19.09 19.81
C PRO A 2 -7.99 18.11 19.17
N ILE A 3 -6.71 18.26 19.46
CA ILE A 3 -5.75 17.26 19.02
C ILE A 3 -5.95 16.00 19.87
N ARG A 4 -5.97 14.85 19.23
CA ARG A 4 -6.20 13.57 19.93
C ARG A 4 -5.05 12.62 19.67
N LYS A 5 -4.75 11.79 20.67
CA LYS A 5 -3.84 10.68 20.50
C LYS A 5 -4.68 9.41 20.43
N VAL A 6 -4.42 8.58 19.43
CA VAL A 6 -5.24 7.40 19.16
C VAL A 6 -4.35 6.20 18.93
N LEU A 7 -4.66 5.08 19.56
CA LEU A 7 -3.91 3.84 19.39
C LEU A 7 -4.59 2.93 18.38
N LEU A 8 -3.79 2.36 17.48
CA LEU A 8 -4.29 1.42 16.48
C LEU A 8 -3.47 0.14 16.59
N LEU A 9 -4.15 -1.00 16.53
CA LEU A 9 -3.48 -2.30 16.57
C LEU A 9 -3.65 -2.96 15.22
N LYS A 10 -2.53 -3.27 14.60
CA LYS A 10 -2.48 -3.82 13.23
C LYS A 10 -1.75 -5.15 13.28
N GLU A 11 -2.28 -6.14 12.55
CA GLU A 11 -1.55 -7.36 12.37
C GLU A 11 -0.67 -7.25 11.11
N ASP A 12 0.34 -8.10 10.97
CA ASP A 12 1.32 -7.90 9.90
C ASP A 12 0.81 -8.20 8.48
N HIS A 13 -0.31 -8.91 8.39
CA HIS A 13 -0.92 -9.29 7.10
C HIS A 13 -1.90 -8.23 6.60
N GLU A 14 -2.08 -7.16 7.35
CA GLU A 14 -3.07 -6.13 7.05
C GLU A 14 -2.41 -4.80 6.73
N GLY A 15 -3.17 -3.93 6.04
CA GLY A 15 -2.83 -2.53 5.98
C GLY A 15 -3.46 -1.76 7.14
N LEU A 16 -3.37 -0.45 7.09
CA LEU A 16 -3.98 0.38 8.13
C LEU A 16 -5.50 0.44 7.98
N GLY A 17 -5.99 0.32 6.76
CA GLY A 17 -7.43 0.40 6.51
C GLY A 17 -7.90 1.83 6.37
N ILE A 18 -7.05 2.67 5.78
CA ILE A 18 -7.49 4.04 5.50
C ILE A 18 -7.08 4.43 4.10
N SER A 19 -7.78 5.41 3.56
CA SER A 19 -7.29 6.10 2.38
C SER A 19 -6.91 7.49 2.82
N ILE A 20 -5.77 7.97 2.30
CA ILE A 20 -5.33 9.32 2.59
C ILE A 20 -5.24 10.18 1.33
N THR A 21 -5.49 11.46 1.52
CA THR A 21 -5.30 12.44 0.48
C THR A 21 -4.45 13.57 1.04
N GLY A 22 -4.12 14.55 0.21
CA GLY A 22 -3.38 15.71 0.66
C GLY A 22 -1.89 15.51 0.68
N GLY A 23 -1.21 16.40 1.38
CA GLY A 23 0.24 16.41 1.40
C GLY A 23 0.79 17.80 1.13
N LYS A 24 2.03 18.02 1.58
N LYS A 24 2.02 18.03 1.59
CA LYS A 24 2.62 19.35 1.55
CA LYS A 24 2.61 19.36 1.53
C LYS A 24 2.66 19.97 0.15
C LYS A 24 2.59 19.97 0.13
N GLU A 25 2.85 19.15 -0.88
CA GLU A 25 2.91 19.67 -2.24
C GLU A 25 1.57 20.24 -2.70
N HIS A 26 0.50 19.89 -1.97
CA HIS A 26 -0.84 20.36 -2.30
C HIS A 26 -1.33 21.44 -1.33
N GLY A 27 -0.48 21.79 -0.36
CA GLY A 27 -0.84 22.82 0.60
C GLY A 27 -1.89 22.40 1.61
N VAL A 28 -2.06 21.09 1.78
CA VAL A 28 -3.00 20.60 2.78
C VAL A 28 -2.39 19.45 3.54
N PRO A 29 -2.91 19.18 4.75
CA PRO A 29 -2.34 18.10 5.55
C PRO A 29 -2.63 16.74 4.94
N ILE A 30 -1.98 15.73 5.49
CA ILE A 30 -2.36 14.36 5.19
C ILE A 30 -3.71 14.13 5.85
N LEU A 31 -4.72 13.85 5.04
CA LEU A 31 -6.10 13.76 5.52
C LEU A 31 -6.67 12.37 5.27
N ILE A 32 -7.39 11.86 6.26
CA ILE A 32 -8.08 10.61 6.07
C ILE A 32 -9.31 10.84 5.23
N SER A 33 -9.35 10.23 4.06
CA SER A 33 -10.50 10.37 3.18
C SER A 33 -11.45 9.17 3.25
N GLU A 34 -10.93 8.01 3.68
CA GLU A 34 -11.77 6.82 3.87
C GLU A 34 -11.29 6.03 5.07
N ILE A 35 -12.23 5.43 5.78
CA ILE A 35 -11.95 4.40 6.78
C ILE A 35 -12.60 3.11 6.25
N HIS A 36 -11.81 2.11 5.94
N HIS A 36 -11.79 2.12 5.91
CA HIS A 36 -12.37 0.92 5.33
CA HIS A 36 -12.29 0.86 5.37
C HIS A 36 -12.94 -0.05 6.35
C HIS A 36 -12.99 0.04 6.45
N PRO A 37 -14.20 -0.45 6.15
CA PRO A 37 -14.93 -1.19 7.19
C PRO A 37 -14.22 -2.45 7.60
N GLY A 38 -14.12 -2.66 8.91
CA GLY A 38 -13.56 -3.87 9.47
C GLY A 38 -12.04 -3.96 9.50
N GLN A 39 -11.36 -2.97 8.94
CA GLN A 39 -9.89 -2.98 8.93
C GLN A 39 -9.35 -2.23 10.16
N PRO A 40 -8.02 -2.23 10.37
CA PRO A 40 -7.55 -1.78 11.69
C PRO A 40 -7.99 -0.39 12.14
N ALA A 41 -8.03 0.59 11.23
CA ALA A 41 -8.41 1.93 11.62
C ALA A 41 -9.87 1.96 12.10
N ASP A 42 -10.76 1.28 11.38
CA ASP A 42 -12.15 1.19 11.79
C ASP A 42 -12.24 0.53 13.16
N ARG A 43 -11.53 -0.59 13.33
CA ARG A 43 -11.56 -1.34 14.57
C ARG A 43 -11.06 -0.55 15.78
N CYS A 44 -10.07 0.33 15.56
CA CYS A 44 -9.49 1.04 16.71
C CYS A 44 -10.48 2.04 17.30
N GLY A 45 -11.45 2.48 16.50
CA GLY A 45 -12.52 3.33 16.98
C GLY A 45 -12.27 4.83 17.02
N GLY A 46 -11.01 5.26 16.97
CA GLY A 46 -10.70 6.67 17.18
C GLY A 46 -10.27 7.47 15.96
N LEU A 47 -10.31 6.86 14.78
CA LEU A 47 -9.89 7.53 13.54
C LEU A 47 -11.09 7.70 12.61
N HIS A 48 -11.23 8.88 12.02
CA HIS A 48 -12.42 9.19 11.23
C HIS A 48 -12.13 9.98 9.99
N VAL A 49 -12.99 9.82 9.00
CA VAL A 49 -12.89 10.62 7.80
C VAL A 49 -12.85 12.11 8.16
N GLY A 50 -11.90 12.82 7.57
CA GLY A 50 -11.74 14.24 7.86
C GLY A 50 -10.65 14.53 8.88
N ASP A 51 -10.18 13.51 9.58
CA ASP A 51 -9.03 13.70 10.47
C ASP A 51 -7.77 14.01 9.68
N ALA A 52 -7.02 15.02 10.12
CA ALA A 52 -5.68 15.25 9.62
C ALA A 52 -4.73 14.43 10.49
N ILE A 53 -3.80 13.72 9.85
CA ILE A 53 -2.79 12.98 10.59
C ILE A 53 -1.59 13.86 10.83
N LEU A 54 -1.44 14.27 12.09
CA LEU A 54 -0.36 15.16 12.45
C LEU A 54 0.94 14.42 12.68
N ALA A 55 0.86 13.20 13.21
CA ALA A 55 2.04 12.40 13.48
C ALA A 55 1.68 10.94 13.62
N VAL A 56 2.64 10.07 13.36
CA VAL A 56 2.46 8.64 13.61
C VAL A 56 3.71 8.13 14.30
N ASN A 57 3.53 7.45 15.43
CA ASN A 57 4.65 6.98 16.24
C ASN A 57 5.72 8.05 16.44
N GLY A 58 5.28 9.29 16.68
CA GLY A 58 6.19 10.38 16.94
C GLY A 58 6.78 11.05 15.71
N VAL A 59 6.50 10.52 14.53
CA VAL A 59 7.01 11.11 13.29
C VAL A 59 6.02 12.16 12.79
N ASN A 60 6.45 13.41 12.75
CA ASN A 60 5.60 14.51 12.31
C ASN A 60 5.29 14.41 10.83
N LEU A 61 4.01 14.47 10.49
CA LEU A 61 3.55 14.39 9.10
C LEU A 61 2.98 15.71 8.61
N ARG A 62 3.16 16.80 9.36
CA ARG A 62 2.52 18.06 9.00
C ARG A 62 3.13 18.75 7.78
N ASP A 63 4.38 18.43 7.48
N ASP A 63 4.39 18.45 7.48
CA ASP A 63 5.07 19.06 6.35
CA ASP A 63 5.07 19.06 6.35
C ASP A 63 5.57 18.01 5.37
C ASP A 63 5.56 18.01 5.35
N THR A 64 4.90 16.87 5.35
CA THR A 64 5.32 15.76 4.51
C THR A 64 4.55 15.73 3.20
N LYS A 65 5.25 15.40 2.12
CA LYS A 65 4.59 15.19 0.84
C LYS A 65 3.79 13.89 0.85
N HIS A 66 2.82 13.80 -0.06
CA HIS A 66 1.91 12.67 -0.08
C HIS A 66 2.64 11.32 -0.02
N LYS A 67 3.57 11.10 -0.94
CA LYS A 67 4.24 9.81 -1.05
C LYS A 67 5.21 9.56 0.10
N GLU A 68 5.79 10.62 0.65
CA GLU A 68 6.59 10.49 1.86
C GLU A 68 5.71 9.92 2.98
N ALA A 69 4.51 10.47 3.14
CA ALA A 69 3.59 10.01 4.17
C ALA A 69 3.19 8.55 3.96
N VAL A 70 2.96 8.15 2.71
CA VAL A 70 2.63 6.77 2.43
C VAL A 70 3.75 5.85 2.91
N THR A 71 4.98 6.17 2.57
CA THR A 71 6.11 5.34 3.00
C THR A 71 6.19 5.26 4.53
N ILE A 72 6.08 6.41 5.19
CA ILE A 72 6.18 6.42 6.64
C ILE A 72 5.04 5.64 7.28
N LEU A 73 3.81 5.91 6.84
CA LEU A 73 2.65 5.24 7.41
C LEU A 73 2.70 3.73 7.20
N SER A 74 3.03 3.29 5.99
CA SER A 74 3.04 1.86 5.69
C SER A 74 4.16 1.11 6.40
N GLN A 75 5.18 1.80 6.89
CA GLN A 75 6.28 1.15 7.61
C GLN A 75 5.90 0.78 9.02
N GLN A 76 4.87 1.43 9.57
CA GLN A 76 4.55 1.19 10.97
C GLN A 76 3.90 -0.17 11.19
N ARG A 77 4.27 -0.83 12.28
CA ARG A 77 3.75 -2.17 12.59
C ARG A 77 3.22 -2.26 14.00
N GLY A 78 2.26 -3.17 14.19
CA GLY A 78 1.85 -3.55 15.52
C GLY A 78 0.97 -2.54 16.22
N GLU A 79 1.45 -2.03 17.34
CA GLU A 79 0.75 -1.03 18.13
C GLU A 79 1.22 0.32 17.69
N ILE A 80 0.35 1.06 17.03
CA ILE A 80 0.74 2.28 16.34
C ILE A 80 0.00 3.49 16.92
N GLU A 81 0.75 4.49 17.35
N GLU A 81 0.73 4.51 17.35
CA GLU A 81 0.14 5.69 17.89
CA GLU A 81 0.10 5.68 17.97
C GLU A 81 -0.06 6.71 16.79
C GLU A 81 0.00 6.87 17.02
N PHE A 82 -1.23 7.34 16.79
CA PHE A 82 -1.53 8.43 15.88
C PHE A 82 -1.81 9.69 16.66
N GLU A 83 -1.38 10.83 16.15
CA GLU A 83 -1.83 12.12 16.63
C GLU A 83 -2.66 12.74 15.52
N VAL A 84 -3.93 13.04 15.80
CA VAL A 84 -4.84 13.47 14.75
C VAL A 84 -5.69 14.64 15.23
N VAL A 85 -6.30 15.33 14.27
CA VAL A 85 -7.21 16.40 14.60
C VAL A 85 -8.24 16.54 13.50
N TYR A 86 -9.51 16.69 13.90
CA TYR A 86 -10.56 16.94 12.96
C TYR A 86 -10.81 18.42 12.87
N VAL A 87 -10.66 18.97 11.68
CA VAL A 87 -10.93 20.39 11.45
C VAL A 87 -12.18 20.56 10.60
N GLY B 1 -12.26 -5.10 -1.71
CA GLY B 1 -11.64 -5.87 -0.64
C GLY B 1 -10.55 -5.07 0.06
N PRO B 2 -10.03 -5.62 1.16
CA PRO B 2 -9.05 -4.92 1.98
C PRO B 2 -7.63 -5.17 1.52
N ILE B 3 -6.71 -4.31 1.92
CA ILE B 3 -5.30 -4.58 1.67
C ILE B 3 -4.88 -5.86 2.36
N ARG B 4 -4.09 -6.67 1.67
CA ARG B 4 -3.45 -7.82 2.28
C ARG B 4 -1.95 -7.70 2.06
N LYS B 5 -1.16 -8.16 3.02
CA LYS B 5 0.27 -8.33 2.77
C LYS B 5 0.57 -9.81 2.72
N VAL B 6 1.22 -10.22 1.65
CA VAL B 6 1.36 -11.62 1.29
C VAL B 6 2.84 -11.91 1.08
N LEU B 7 3.33 -12.99 1.68
CA LEU B 7 4.71 -13.39 1.48
C LEU B 7 4.82 -14.41 0.36
N LEU B 8 5.85 -14.24 -0.45
CA LEU B 8 6.13 -15.14 -1.56
C LEU B 8 7.61 -15.50 -1.48
N LEU B 9 7.91 -16.79 -1.41
CA LEU B 9 9.30 -17.23 -1.36
C LEU B 9 9.83 -17.49 -2.75
N LYS B 10 10.87 -16.75 -3.15
CA LYS B 10 11.48 -16.92 -4.46
C LYS B 10 12.82 -17.63 -4.32
N GLU B 11 13.02 -18.71 -5.06
CA GLU B 11 14.34 -19.32 -5.15
C GLU B 11 15.10 -18.52 -6.19
N ASP B 12 16.37 -18.25 -5.93
CA ASP B 12 17.15 -17.34 -6.78
C ASP B 12 17.11 -17.67 -8.26
N HIS B 13 16.80 -18.94 -8.59
CA HIS B 13 16.91 -19.39 -9.96
C HIS B 13 15.62 -19.28 -10.79
N GLU B 14 14.48 -19.07 -10.14
CA GLU B 14 13.20 -19.11 -10.86
C GLU B 14 12.38 -17.84 -10.76
N GLY B 15 11.43 -17.69 -11.68
CA GLY B 15 10.52 -16.56 -11.67
C GLY B 15 9.37 -16.77 -10.72
N LEU B 16 8.70 -15.67 -10.37
CA LEU B 16 7.59 -15.71 -9.42
C LEU B 16 6.35 -16.32 -10.05
N GLY B 17 6.28 -16.27 -11.38
CA GLY B 17 5.12 -16.77 -12.11
C GLY B 17 3.96 -15.80 -12.02
N ILE B 18 4.21 -14.55 -12.35
CA ILE B 18 3.18 -13.51 -12.34
C ILE B 18 3.28 -12.70 -13.63
N SER B 19 2.17 -12.56 -14.35
CA SER B 19 2.12 -11.61 -15.44
C SER B 19 1.58 -10.29 -14.94
N ILE B 20 2.19 -9.21 -15.40
CA ILE B 20 1.94 -7.86 -14.91
C ILE B 20 1.47 -6.98 -16.05
N THR B 21 0.45 -6.17 -15.78
CA THR B 21 0.04 -5.15 -16.72
C THR B 21 -0.26 -3.86 -15.96
N GLY B 22 -0.74 -2.84 -16.66
CA GLY B 22 -1.06 -1.57 -16.00
C GLY B 22 0.15 -0.70 -15.74
N GLY B 23 -0.03 0.29 -14.87
CA GLY B 23 1.02 1.26 -14.57
C GLY B 23 0.56 2.69 -14.74
N LYS B 24 1.34 3.59 -14.16
CA LYS B 24 1.06 5.01 -14.14
C LYS B 24 0.71 5.57 -15.51
N GLU B 25 1.41 5.11 -16.55
CA GLU B 25 1.19 5.66 -17.89
C GLU B 25 -0.20 5.37 -18.45
N HIS B 26 -0.92 4.44 -17.83
CA HIS B 26 -2.30 4.19 -18.23
C HIS B 26 -3.32 4.55 -17.16
N GLY B 27 -2.86 5.26 -16.14
CA GLY B 27 -3.74 5.74 -15.09
C GLY B 27 -4.38 4.65 -14.25
N VAL B 28 -3.71 3.50 -14.17
CA VAL B 28 -4.20 2.37 -13.38
C VAL B 28 -3.06 1.75 -12.60
N PRO B 29 -3.38 0.96 -11.57
CA PRO B 29 -2.32 0.34 -10.77
C PRO B 29 -1.48 -0.65 -11.57
N ILE B 30 -0.38 -1.06 -10.96
CA ILE B 30 0.32 -2.26 -11.40
C ILE B 30 -0.60 -3.43 -11.07
N LEU B 31 -0.98 -4.19 -12.09
CA LEU B 31 -2.02 -5.20 -11.95
C LEU B 31 -1.52 -6.58 -12.29
N ILE B 32 -1.98 -7.58 -11.53
CA ILE B 32 -1.73 -8.97 -11.89
C ILE B 32 -2.72 -9.42 -12.96
N SER B 33 -2.20 -9.84 -14.11
CA SER B 33 -3.06 -10.32 -15.18
C SER B 33 -3.07 -11.83 -15.33
N GLU B 34 -2.06 -12.50 -14.80
CA GLU B 34 -2.00 -13.97 -14.82
C GLU B 34 -1.20 -14.48 -13.64
N ILE B 35 -1.62 -15.62 -13.12
CA ILE B 35 -0.89 -16.34 -12.08
C ILE B 35 -0.54 -17.69 -12.69
N HIS B 36 0.75 -17.92 -12.93
CA HIS B 36 1.18 -19.12 -13.64
C HIS B 36 1.07 -20.35 -12.76
N PRO B 37 0.31 -21.35 -13.21
CA PRO B 37 -0.01 -22.53 -12.40
C PRO B 37 1.25 -23.25 -11.94
N GLY B 38 1.29 -23.62 -10.68
CA GLY B 38 2.40 -24.38 -10.15
C GLY B 38 3.60 -23.58 -9.70
N GLN B 39 3.68 -22.32 -10.14
CA GLN B 39 4.82 -21.49 -9.77
C GLN B 39 4.59 -20.78 -8.45
N PRO B 40 5.63 -20.11 -7.90
CA PRO B 40 5.57 -19.59 -6.53
C PRO B 40 4.32 -18.76 -6.20
N ALA B 41 4.00 -17.77 -7.03
CA ALA B 41 2.83 -16.93 -6.76
C ALA B 41 1.59 -17.80 -6.61
N ASP B 42 1.44 -18.78 -7.49
CA ASP B 42 0.33 -19.72 -7.40
C ASP B 42 0.39 -20.48 -6.08
N ARG B 43 1.57 -20.98 -5.75
CA ARG B 43 1.76 -21.80 -4.55
C ARG B 43 1.27 -21.08 -3.29
N CYS B 44 1.64 -19.82 -3.15
CA CYS B 44 1.34 -19.09 -1.93
C CYS B 44 -0.16 -18.86 -1.71
N GLY B 45 -0.93 -18.95 -2.80
CA GLY B 45 -2.38 -18.90 -2.73
C GLY B 45 -2.97 -17.58 -2.28
N GLY B 46 -2.14 -16.55 -2.17
CA GLY B 46 -2.61 -15.27 -1.69
C GLY B 46 -2.59 -14.16 -2.72
N LEU B 47 -2.21 -14.49 -3.95
CA LEU B 47 -2.13 -13.53 -5.06
C LEU B 47 -3.04 -13.98 -6.20
N HIS B 48 -3.85 -13.06 -6.72
CA HIS B 48 -4.88 -13.41 -7.69
C HIS B 48 -4.97 -12.44 -8.84
N VAL B 49 -5.44 -12.94 -9.99
CA VAL B 49 -5.68 -12.09 -11.14
C VAL B 49 -6.61 -10.95 -10.75
N GLY B 50 -6.23 -9.73 -11.10
CA GLY B 50 -7.02 -8.56 -10.80
C GLY B 50 -6.52 -7.80 -9.57
N ASP B 51 -5.64 -8.43 -8.78
CA ASP B 51 -5.01 -7.74 -7.67
C ASP B 51 -4.14 -6.60 -8.17
N ALA B 52 -4.21 -5.49 -7.46
CA ALA B 52 -3.30 -4.39 -7.67
C ALA B 52 -2.13 -4.56 -6.71
N ILE B 53 -0.91 -4.45 -7.22
CA ILE B 53 0.27 -4.47 -6.37
C ILE B 53 0.58 -3.05 -5.95
N LEU B 54 0.28 -2.72 -4.70
CA LEU B 54 0.50 -1.39 -4.17
C LEU B 54 1.95 -1.14 -3.78
N ALA B 55 2.61 -2.18 -3.28
CA ALA B 55 3.99 -2.05 -2.84
C ALA B 55 4.61 -3.43 -2.81
N VAL B 56 5.93 -3.47 -2.91
CA VAL B 56 6.67 -4.70 -2.73
C VAL B 56 7.86 -4.42 -1.82
N ASN B 57 8.00 -5.19 -0.76
CA ASN B 57 9.04 -4.98 0.24
C ASN B 57 9.19 -3.51 0.62
N GLY B 58 8.07 -2.81 0.79
CA GLY B 58 8.10 -1.43 1.22
C GLY B 58 8.45 -0.41 0.14
N VAL B 59 8.49 -0.85 -1.11
CA VAL B 59 8.65 0.06 -2.24
C VAL B 59 7.26 0.39 -2.75
N ASN B 60 6.87 1.65 -2.62
CA ASN B 60 5.54 2.08 -3.04
C ASN B 60 5.45 2.12 -4.55
N LEU B 61 4.53 1.32 -5.13
CA LEU B 61 4.36 1.23 -6.57
C LEU B 61 3.02 1.81 -7.03
N ARG B 62 2.40 2.65 -6.19
CA ARG B 62 1.10 3.24 -6.53
C ARG B 62 1.21 4.29 -7.63
N ASP B 63 2.40 4.84 -7.83
CA ASP B 63 2.53 5.92 -8.81
C ASP B 63 3.82 5.75 -9.61
N THR B 64 3.98 4.56 -10.17
CA THR B 64 5.19 4.18 -10.89
C THR B 64 4.78 3.60 -12.25
N LYS B 65 5.56 3.93 -13.27
CA LYS B 65 5.29 3.38 -14.59
C LYS B 65 5.59 1.90 -14.65
N HIS B 66 4.96 1.23 -15.60
CA HIS B 66 5.07 -0.21 -15.76
C HIS B 66 6.52 -0.71 -15.70
N LYS B 67 7.38 -0.17 -16.56
CA LYS B 67 8.72 -0.72 -16.73
C LYS B 67 9.51 -0.67 -15.43
N GLU B 68 9.44 0.47 -14.75
CA GLU B 68 10.20 0.65 -13.51
C GLU B 68 9.65 -0.23 -12.40
N ALA B 69 8.33 -0.38 -12.34
CA ALA B 69 7.74 -1.25 -11.35
C ALA B 69 8.22 -2.69 -11.56
N VAL B 70 8.20 -3.13 -12.80
CA VAL B 70 8.66 -4.46 -13.15
C VAL B 70 10.13 -4.66 -12.79
N THR B 71 10.96 -3.66 -13.05
CA THR B 71 12.36 -3.75 -12.69
C THR B 71 12.54 -3.94 -11.19
N ILE B 72 11.89 -3.08 -10.40
CA ILE B 72 11.91 -3.22 -8.93
C ILE B 72 11.44 -4.59 -8.48
N LEU B 73 10.31 -5.03 -9.02
CA LEU B 73 9.79 -6.32 -8.65
C LEU B 73 10.80 -7.43 -8.91
N SER B 74 11.48 -7.37 -10.06
N SER B 74 11.46 -7.35 -10.07
CA SER B 74 12.39 -8.42 -10.48
CA SER B 74 12.39 -8.38 -10.51
C SER B 74 13.72 -8.42 -9.74
C SER B 74 13.61 -8.48 -9.60
N GLN B 75 13.97 -7.35 -8.99
CA GLN B 75 15.18 -7.28 -8.17
C GLN B 75 15.02 -7.90 -6.78
N GLN B 76 13.78 -8.19 -6.39
CA GLN B 76 13.51 -8.72 -5.06
C GLN B 76 13.98 -10.17 -4.95
N ARG B 77 14.45 -10.53 -3.77
N ARG B 77 14.45 -10.53 -3.77
CA ARG B 77 15.01 -11.86 -3.53
CA ARG B 77 15.02 -11.85 -3.53
C ARG B 77 14.48 -12.45 -2.24
C ARG B 77 14.49 -12.45 -2.23
N GLY B 78 14.53 -13.78 -2.14
CA GLY B 78 14.16 -14.48 -0.92
C GLY B 78 12.68 -14.39 -0.63
N GLU B 79 12.35 -14.06 0.61
CA GLU B 79 10.97 -13.97 1.03
C GLU B 79 10.50 -12.55 0.81
N ILE B 80 9.54 -12.40 -0.11
CA ILE B 80 9.18 -11.09 -0.64
C ILE B 80 7.77 -10.72 -0.20
N GLU B 81 7.61 -9.53 0.35
CA GLU B 81 6.30 -9.12 0.82
C GLU B 81 5.57 -8.28 -0.23
N PHE B 82 4.41 -8.76 -0.67
CA PHE B 82 3.56 -8.03 -1.59
C PHE B 82 2.42 -7.38 -0.82
N GLU B 83 2.21 -6.08 -1.04
CA GLU B 83 1.06 -5.39 -0.46
C GLU B 83 0.09 -5.23 -1.62
N VAL B 84 -1.04 -5.93 -1.54
CA VAL B 84 -1.99 -6.01 -2.66
C VAL B 84 -3.40 -5.67 -2.22
N VAL B 85 -4.23 -5.31 -3.18
CA VAL B 85 -5.64 -5.07 -2.91
C VAL B 85 -6.45 -5.45 -4.14
N TYR B 86 -7.59 -6.05 -3.90
CA TYR B 86 -8.55 -6.35 -4.95
C TYR B 86 -9.73 -5.42 -4.69
N VAL B 87 -9.79 -4.32 -5.42
CA VAL B 87 -10.85 -3.34 -5.22
C VAL B 87 -12.02 -3.60 -6.18
N TRP C 5 -6.47 16.18 -5.89
CA TRP C 5 -5.45 15.62 -5.01
C TRP C 5 -5.31 14.11 -5.20
N PRO C 6 -4.13 13.59 -4.89
CA PRO C 6 -3.88 12.14 -4.93
C PRO C 6 -4.56 11.43 -3.77
N SER C 8 -4.34 7.63 -1.76
CA SER C 8 -3.65 6.36 -1.60
C SER C 8 -4.37 5.51 -0.58
N ILE C 9 -4.58 4.23 -0.93
CA ILE C 9 -5.17 3.25 -0.04
C ILE C 9 -4.02 2.59 0.70
N ILE C 10 -4.06 2.62 2.04
CA ILE C 10 -2.94 2.15 2.85
C ILE C 10 -3.38 1.38 4.08
N ALA D 1 -5.95 -5.79 -17.99
CA ALA D 1 -7.10 -6.19 -18.81
C ALA D 1 -6.94 -5.73 -20.26
N ASN D 2 -6.86 -4.42 -20.47
CA ASN D 2 -6.70 -3.88 -21.82
C ASN D 2 -5.45 -4.44 -22.50
N SER D 3 -5.65 -5.18 -23.58
CA SER D 3 -4.57 -5.88 -24.25
C SER D 3 -3.48 -4.95 -24.81
N ARG D 4 -3.77 -3.66 -24.93
CA ARG D 4 -2.77 -2.74 -25.48
C ARG D 4 -1.82 -2.17 -24.42
N TRP D 5 -2.15 -2.38 -23.15
CA TRP D 5 -1.25 -2.01 -22.06
C TRP D 5 0.01 -2.88 -22.13
N PRO D 6 1.12 -2.41 -21.54
CA PRO D 6 2.34 -3.24 -21.58
C PRO D 6 2.10 -4.55 -20.84
N SER D 8 4.34 -7.75 -18.93
CA SER D 8 5.61 -8.28 -18.45
C SER D 8 5.34 -9.54 -17.68
N ILE D 9 6.38 -10.33 -17.51
CA ILE D 9 6.31 -11.49 -16.63
C ILE D 9 7.47 -11.41 -15.66
N ILE D 10 7.20 -11.72 -14.39
CA ILE D 10 8.22 -11.74 -13.36
C ILE D 10 8.16 -13.08 -12.63
#